data_5WQJ
#
_entry.id   5WQJ
#
_cell.length_a   37.355
_cell.length_b   150.360
_cell.length_c   54.307
_cell.angle_alpha   90.00
_cell.angle_beta   110.09
_cell.angle_gamma   90.00
#
_symmetry.space_group_name_H-M   'P 1 21 1'
#
loop_
_entity.id
_entity.type
_entity.pdbx_description
1 polymer Sulfurtransferase
2 non-polymer 2-[2-[(4-oxidanylidene-3~{H}-quinazolin-2-yl)sulfanyl]ethanoylamino]thiophene-3-carboxamide
3 non-polymer 'SODIUM ION'
4 water water
#
_entity_poly.entity_id   1
_entity_poly.type   'polypeptide(L)'
_entity_poly.pdbx_seq_one_letter_code
;MAAPQLFRALVSAQWVAEALKAPRSSQPLKLLDASWYLPKLGRDARREFEERHIPGAAFFDIDRSSDHTSPYDHMLPNAT
HFADYAGSLGVSAATHVVIYDGSDQGLYSAPRVWWMFRAFGHHSVSLLDGGFRHWLNQNLPISSGKSHSEPAEFSAQLDP
SFIKTHEDILENLDARRFQVVDARAAGRFQGTQPEPRDGIEPGHIPGSVNIPFTEFLTNEGLEKSPEEIKRLFKEKKVDL
SKPLVAT(CSS)GSGVTASHVVLGAFLSGKSDVPVYDGSWVEWYMRAQPEHIISEGRGKTQ
;
_entity_poly.pdbx_strand_id   A,B
#
loop_
_chem_comp.id
_chem_comp.type
_chem_comp.name
_chem_comp.formula
7N3 non-polymer 2-[2-[(4-oxidanylidene-3~{H}-quinazolin-2-yl)sulfanyl]ethanoylamino]thiophene-3-carboxamide 'C15 H12 N4 O3 S2'
NA non-polymer 'SODIUM ION' 'Na 1'
#
# COMPACT_ATOMS: atom_id res chain seq x y z
N GLN A 5 13.13 -11.32 30.91
CA GLN A 5 12.18 -11.48 29.76
C GLN A 5 12.42 -10.55 28.53
N LEU A 6 12.80 -9.31 28.75
CA LEU A 6 13.02 -8.40 27.64
C LEU A 6 14.34 -7.67 27.83
N PHE A 7 15.09 -7.40 26.76
CA PHE A 7 16.30 -6.62 26.85
C PHE A 7 15.94 -5.18 27.30
N ARG A 8 16.73 -4.61 28.21
CA ARG A 8 16.36 -3.33 28.80
C ARG A 8 16.24 -2.17 27.78
N ALA A 9 15.14 -1.45 27.89
CA ALA A 9 14.87 -0.32 26.98
C ALA A 9 15.52 0.98 27.29
N LEU A 10 15.89 1.16 28.54
CA LEU A 10 16.56 2.38 29.03
C LEU A 10 17.93 2.10 29.62
N VAL A 11 18.88 2.99 29.33
CA VAL A 11 20.12 3.09 30.02
C VAL A 11 20.28 4.53 30.50
N SER A 12 21.04 4.75 31.58
CA SER A 12 21.24 6.06 32.14
C SER A 12 22.46 6.76 31.60
N ALA A 13 22.52 8.08 31.76
CA ALA A 13 23.68 8.84 31.37
C ALA A 13 24.91 8.37 32.13
N GLN A 14 24.72 8.10 33.41
CA GLN A 14 25.88 7.70 34.18
C GLN A 14 26.43 6.34 33.71
N TRP A 15 25.55 5.44 33.31
CA TRP A 15 25.97 4.10 32.85
C TRP A 15 26.68 4.27 31.51
N VAL A 16 26.20 5.14 30.64
CA VAL A 16 26.85 5.38 29.35
C VAL A 16 28.23 6.03 29.55
N ALA A 17 28.29 7.06 30.36
CA ALA A 17 29.54 7.73 30.64
C ALA A 17 30.58 6.75 31.13
N GLU A 18 30.20 5.87 32.05
CA GLU A 18 31.15 4.87 32.56
C GLU A 18 31.57 3.92 31.46
N ALA A 19 30.61 3.49 30.64
CA ALA A 19 30.88 2.53 29.57
C ALA A 19 31.82 3.11 28.49
N LEU A 20 31.72 4.41 28.23
CA LEU A 20 32.65 5.05 27.35
C LEU A 20 34.12 4.94 27.76
N LYS A 21 34.35 4.94 29.07
CA LYS A 21 35.69 4.97 29.63
C LYS A 21 36.31 3.59 29.73
N ALA A 22 35.46 2.56 29.72
CA ALA A 22 35.86 1.18 29.98
C ALA A 22 36.27 0.41 28.71
N GLN A 27 30.52 -7.47 23.13
CA GLN A 27 29.30 -6.72 22.90
C GLN A 27 29.64 -5.24 22.79
N PRO A 28 30.02 -4.81 21.57
CA PRO A 28 30.35 -3.38 21.52
C PRO A 28 29.13 -2.47 21.71
N LEU A 29 29.41 -1.28 22.16
CA LEU A 29 28.40 -0.25 22.35
C LEU A 29 28.49 0.69 21.16
N LYS A 30 27.34 0.98 20.56
N LYS A 30 27.35 0.94 20.52
CA LYS A 30 27.25 2.00 19.49
CA LYS A 30 27.24 1.99 19.50
C LYS A 30 26.22 3.01 19.94
C LYS A 30 26.23 3.01 19.97
N LEU A 31 26.67 4.27 20.11
CA LEU A 31 25.78 5.38 20.37
C LEU A 31 25.33 6.00 19.08
N LEU A 32 24.01 6.17 18.98
CA LEU A 32 23.40 6.82 17.80
C LEU A 32 22.57 8.04 18.18
N ASP A 33 22.82 9.18 17.56
CA ASP A 33 21.97 10.39 17.72
C ASP A 33 20.94 10.27 16.59
N ALA A 34 19.67 10.07 16.94
CA ALA A 34 18.58 10.01 15.99
C ALA A 34 17.69 11.25 16.07
N SER A 35 18.27 12.40 16.36
CA SER A 35 17.53 13.65 16.35
C SER A 35 16.90 13.96 15.00
N TRP A 36 15.67 14.45 15.08
CA TRP A 36 14.93 14.90 13.88
C TRP A 36 13.86 15.85 14.38
N TYR A 37 13.70 16.96 13.69
CA TYR A 37 12.76 18.03 14.12
C TYR A 37 11.88 18.46 12.97
N LEU A 38 10.65 18.75 13.30
CA LEU A 38 9.75 19.35 12.29
C LEU A 38 10.31 20.70 11.83
N PRO A 39 10.14 21.04 10.54
CA PRO A 39 10.72 22.28 10.04
C PRO A 39 10.48 23.54 10.86
N LYS A 40 9.26 23.70 11.39
N LYS A 40 9.28 23.74 11.39
CA LYS A 40 8.93 24.94 12.09
CA LYS A 40 8.99 24.99 12.09
C LYS A 40 9.73 25.16 13.40
C LYS A 40 9.83 25.22 13.34
N LEU A 41 10.46 24.16 13.84
CA LEU A 41 11.31 24.31 14.99
C LEU A 41 12.58 25.08 14.64
N GLY A 42 12.90 25.15 13.36
CA GLY A 42 14.09 25.86 12.97
C GLY A 42 15.41 25.31 13.43
N ARG A 43 15.45 24.00 13.61
CA ARG A 43 16.67 23.32 14.05
C ARG A 43 17.16 22.32 13.05
N ASP A 44 18.47 22.25 12.86
CA ASP A 44 19.00 21.24 12.00
C ASP A 44 19.77 20.20 12.83
N ALA A 45 19.21 19.04 12.90
CA ALA A 45 19.72 17.95 13.74
C ALA A 45 21.15 17.51 13.39
N ARG A 46 21.44 17.36 12.09
CA ARG A 46 22.75 16.90 11.70
C ARG A 46 23.76 18.01 12.05
N ARG A 47 23.44 19.27 11.73
CA ARG A 47 24.36 20.39 12.04
C ARG A 47 24.67 20.41 13.55
N GLU A 48 23.63 20.25 14.36
CA GLU A 48 23.82 20.21 15.80
C GLU A 48 24.72 19.04 16.23
N PHE A 49 24.55 17.86 15.61
CA PHE A 49 25.40 16.72 15.90
C PHE A 49 26.88 17.10 15.63
N GLU A 50 27.12 17.69 14.45
CA GLU A 50 28.48 18.03 14.09
C GLU A 50 29.10 19.02 15.12
N GLU A 51 28.29 19.92 15.69
CA GLU A 51 28.76 20.86 16.69
C GLU A 51 29.08 20.14 18.01
N ARG A 52 28.19 19.24 18.46
CA ARG A 52 28.29 18.55 19.73
C ARG A 52 27.55 17.25 19.73
N HIS A 53 28.22 16.20 20.19
CA HIS A 53 27.59 14.87 20.31
C HIS A 53 28.28 14.08 21.38
N ILE A 54 27.70 12.97 21.75
CA ILE A 54 28.27 12.07 22.77
C ILE A 54 29.48 11.42 22.16
N PRO A 55 30.59 11.30 22.89
CA PRO A 55 31.80 10.78 22.27
C PRO A 55 31.63 9.40 21.64
N GLY A 56 32.07 9.32 20.40
CA GLY A 56 31.98 8.08 19.65
C GLY A 56 30.67 7.85 18.90
N ALA A 57 29.66 8.72 19.12
CA ALA A 57 28.38 8.50 18.48
C ALA A 57 28.46 8.72 16.99
N ALA A 58 27.54 8.10 16.28
CA ALA A 58 27.26 8.36 14.87
C ALA A 58 25.86 8.99 14.79
N PHE A 59 25.60 9.68 13.72
CA PHE A 59 24.30 10.27 13.48
C PHE A 59 23.41 9.31 12.66
N PHE A 60 22.23 8.98 13.19
CA PHE A 60 21.28 8.10 12.51
C PHE A 60 20.23 9.04 11.95
N ASP A 61 20.22 9.14 10.62
CA ASP A 61 19.34 10.05 9.94
C ASP A 61 18.04 9.36 9.60
N ILE A 62 16.93 9.68 10.30
CA ILE A 62 15.74 8.89 10.05
C ILE A 62 15.25 9.07 8.63
N ASP A 63 15.65 10.12 7.94
CA ASP A 63 15.31 10.21 6.50
C ASP A 63 16.15 9.25 5.66
N ARG A 64 17.22 8.62 6.16
CA ARG A 64 17.93 7.54 5.41
C ARG A 64 17.37 6.16 5.76
N SER A 65 16.38 6.19 6.64
CA SER A 65 15.80 4.94 7.07
C SER A 65 14.28 5.00 6.95
N SER A 66 13.83 5.41 5.76
CA SER A 66 12.41 5.47 5.50
C SER A 66 12.16 5.16 4.02
N ASP A 67 10.93 4.84 3.73
CA ASP A 67 10.51 4.52 2.38
C ASP A 67 10.08 5.81 1.66
N HIS A 68 10.97 6.35 0.84
CA HIS A 68 10.67 7.59 0.14
C HIS A 68 9.70 7.35 -1.03
N THR A 69 9.44 6.10 -1.39
CA THR A 69 8.41 5.83 -2.40
C THR A 69 7.00 6.06 -1.90
N SER A 70 6.81 6.13 -0.59
CA SER A 70 5.49 6.33 -0.06
C SER A 70 5.09 7.81 -0.14
N PRO A 71 3.79 8.08 -0.37
CA PRO A 71 3.30 9.46 -0.23
C PRO A 71 3.15 9.91 1.24
N TYR A 72 3.23 8.97 2.16
CA TYR A 72 3.04 9.25 3.57
C TYR A 72 4.41 9.42 4.22
N ASP A 73 4.38 9.84 5.49
CA ASP A 73 5.55 10.33 6.17
C ASP A 73 6.15 9.24 7.04
N HIS A 74 7.48 9.32 7.15
CA HIS A 74 8.29 8.45 8.00
C HIS A 74 7.84 6.99 7.99
N MET A 75 7.76 6.43 6.80
CA MET A 75 7.35 5.05 6.63
C MET A 75 8.55 4.12 6.71
N LEU A 76 8.36 2.97 7.34
CA LEU A 76 9.46 2.00 7.45
C LEU A 76 10.07 1.74 6.10
N PRO A 77 11.42 1.59 6.06
CA PRO A 77 12.03 1.13 4.82
C PRO A 77 11.91 -0.40 4.69
N ASN A 78 12.31 -0.98 3.55
CA ASN A 78 12.42 -2.45 3.55
C ASN A 78 13.70 -2.87 4.30
N ALA A 79 13.80 -4.16 4.64
CA ALA A 79 14.84 -4.73 5.49
C ALA A 79 16.21 -4.58 4.87
N THR A 80 16.36 -4.66 3.56
CA THR A 80 17.64 -4.55 2.92
C THR A 80 18.17 -3.12 3.08
N HIS A 81 17.27 -2.16 2.90
CA HIS A 81 17.61 -0.81 3.01
C HIS A 81 18.07 -0.51 4.43
N PHE A 82 17.28 -0.98 5.43
CA PHE A 82 17.65 -0.76 6.80
C PHE A 82 19.02 -1.37 7.10
N ALA A 83 19.17 -2.62 6.72
CA ALA A 83 20.40 -3.35 7.04
C ALA A 83 21.64 -2.68 6.49
N ASP A 84 21.53 -2.23 5.25
CA ASP A 84 22.62 -1.52 4.59
C ASP A 84 22.98 -0.28 5.41
N TYR A 85 21.95 0.47 5.80
CA TYR A 85 22.21 1.71 6.55
C TYR A 85 22.80 1.45 7.95
N ALA A 86 22.18 0.57 8.73
CA ALA A 86 22.70 0.21 10.05
C ALA A 86 24.14 -0.28 9.96
N GLY A 87 24.43 -1.12 8.98
CA GLY A 87 25.79 -1.61 8.83
C GLY A 87 26.75 -0.48 8.51
N SER A 88 26.32 0.51 7.74
CA SER A 88 27.19 1.61 7.37
C SER A 88 27.51 2.50 8.60
N LEU A 89 26.68 2.42 9.64
CA LEU A 89 26.90 3.17 10.89
C LEU A 89 27.65 2.31 11.91
N GLY A 90 28.10 1.14 11.50
CA GLY A 90 28.96 0.32 12.32
C GLY A 90 28.27 -0.60 13.31
N VAL A 91 26.98 -0.87 13.03
CA VAL A 91 26.16 -1.80 13.87
C VAL A 91 26.25 -3.23 13.34
N SER A 92 26.57 -4.17 14.24
CA SER A 92 26.49 -5.63 13.90
C SER A 92 25.54 -6.34 14.83
N ALA A 93 25.30 -7.64 14.59
CA ALA A 93 24.40 -8.35 15.45
C ALA A 93 24.78 -8.36 16.94
N ALA A 94 26.07 -8.26 17.23
CA ALA A 94 26.50 -8.28 18.62
C ALA A 94 26.40 -6.94 19.30
N THR A 95 26.12 -5.88 18.55
CA THR A 95 26.22 -4.56 19.12
C THR A 95 25.07 -4.25 20.09
N HIS A 96 25.39 -3.59 21.21
CA HIS A 96 24.36 -2.98 22.09
C HIS A 96 24.24 -1.53 21.53
N VAL A 97 23.14 -1.28 20.84
CA VAL A 97 22.86 0.01 20.29
C VAL A 97 22.16 0.86 21.35
N VAL A 98 22.62 2.10 21.55
CA VAL A 98 21.97 3.03 22.50
C VAL A 98 21.68 4.29 21.69
N ILE A 99 20.41 4.62 21.61
CA ILE A 99 19.94 5.73 20.83
C ILE A 99 19.57 6.91 21.72
N TYR A 100 19.87 8.12 21.27
CA TYR A 100 19.47 9.34 21.95
C TYR A 100 19.04 10.37 20.93
N ASP A 101 18.44 11.46 21.38
CA ASP A 101 18.23 12.63 20.57
C ASP A 101 18.50 13.86 21.43
N GLY A 102 18.47 15.02 20.78
CA GLY A 102 18.75 16.29 21.48
C GLY A 102 17.52 17.14 21.68
N SER A 103 16.36 16.54 21.72
CA SER A 103 15.14 17.24 21.89
C SER A 103 15.00 17.91 23.25
N ASP A 104 14.18 18.95 23.27
CA ASP A 104 13.86 19.63 24.54
C ASP A 104 13.08 18.74 25.50
N GLN A 105 12.32 17.80 24.95
CA GLN A 105 11.52 16.90 25.76
C GLN A 105 12.31 15.85 26.49
N GLY A 106 13.51 15.54 26.01
CA GLY A 106 14.34 14.51 26.53
C GLY A 106 14.53 13.44 25.50
N LEU A 107 13.45 12.76 25.15
CA LEU A 107 13.42 11.92 23.97
C LEU A 107 12.16 12.25 23.21
N TYR A 108 12.33 12.13 21.90
CA TYR A 108 11.37 12.64 20.91
C TYR A 108 11.29 11.73 19.70
N SER A 109 12.34 11.74 18.91
CA SER A 109 12.48 10.83 17.77
C SER A 109 13.29 9.55 18.05
N ALA A 110 14.10 9.54 19.08
CA ALA A 110 14.87 8.36 19.34
C ALA A 110 14.04 7.09 19.56
N PRO A 111 12.88 7.14 20.29
CA PRO A 111 12.15 5.89 20.46
C PRO A 111 11.69 5.22 19.16
N ARG A 112 11.44 5.98 18.12
CA ARG A 112 11.14 5.37 16.83
C ARG A 112 12.29 4.44 16.39
N VAL A 113 13.51 4.89 16.55
CA VAL A 113 14.67 4.14 16.12
C VAL A 113 14.92 2.89 16.94
N TRP A 114 14.68 3.02 18.29
CA TRP A 114 14.65 1.80 19.14
C TRP A 114 13.67 0.79 18.60
N TRP A 115 12.42 1.24 18.36
CA TRP A 115 11.43 0.35 17.83
C TRP A 115 11.78 -0.22 16.46
N MET A 116 12.32 0.59 15.55
N MET A 116 12.33 0.59 15.58
CA MET A 116 12.77 0.08 14.28
CA MET A 116 12.75 0.12 14.29
C MET A 116 13.82 -1.01 14.38
C MET A 116 13.82 -0.98 14.36
N PHE A 117 14.84 -0.82 15.19
CA PHE A 117 15.82 -1.88 15.30
C PHE A 117 15.13 -3.17 15.74
N ARG A 118 14.26 -3.10 16.73
CA ARG A 118 13.58 -4.30 17.21
C ARG A 118 12.70 -4.93 16.12
N ALA A 119 11.97 -4.09 15.39
CA ALA A 119 11.14 -4.60 14.31
C ALA A 119 11.94 -5.36 13.24
N PHE A 120 13.19 -4.94 13.06
CA PHE A 120 14.11 -5.52 12.11
C PHE A 120 14.98 -6.64 12.67
N GLY A 121 14.69 -7.07 13.89
CA GLY A 121 15.32 -8.24 14.48
C GLY A 121 16.52 -7.98 15.34
N HIS A 122 16.78 -6.72 15.68
CA HIS A 122 17.89 -6.38 16.51
C HIS A 122 17.41 -5.96 17.91
N HIS A 123 17.50 -6.85 18.88
CA HIS A 123 16.83 -6.65 20.17
C HIS A 123 17.72 -6.07 21.25
N SER A 124 19.04 -6.08 21.04
CA SER A 124 19.93 -5.47 22.01
C SER A 124 20.09 -3.99 21.74
N VAL A 125 19.05 -3.28 22.06
CA VAL A 125 18.92 -1.84 21.78
C VAL A 125 18.23 -1.22 22.97
N SER A 126 18.70 0.00 23.28
CA SER A 126 18.19 0.80 24.39
C SER A 126 18.19 2.28 24.01
N LEU A 127 17.49 3.04 24.84
CA LEU A 127 17.44 4.48 24.74
C LEU A 127 18.18 5.12 25.91
N LEU A 128 18.86 6.21 25.65
CA LEU A 128 19.52 7.00 26.70
C LEU A 128 18.46 7.85 27.35
N ASP A 129 18.13 7.50 28.59
CA ASP A 129 17.09 8.16 29.34
C ASP A 129 17.51 9.61 29.57
N GLY A 130 16.66 10.57 29.18
CA GLY A 130 16.97 11.98 29.28
C GLY A 130 17.67 12.63 28.11
N GLY A 131 18.13 11.78 27.17
CA GLY A 131 18.71 12.26 25.95
C GLY A 131 19.91 13.15 26.12
N PHE A 132 20.21 13.91 25.05
CA PHE A 132 21.34 14.82 25.10
C PHE A 132 21.05 15.97 26.07
N ARG A 133 19.79 16.33 26.23
CA ARG A 133 19.42 17.38 27.18
C ARG A 133 19.98 17.09 28.58
N HIS A 134 19.79 15.87 29.04
CA HIS A 134 20.26 15.51 30.35
C HIS A 134 21.77 15.38 30.36
N TRP A 135 22.35 14.80 29.29
CA TRP A 135 23.78 14.67 29.14
C TRP A 135 24.48 16.02 29.27
N LEU A 136 23.94 17.01 28.59
CA LEU A 136 24.44 18.40 28.63
C LEU A 136 24.23 19.01 30.02
N ASN A 137 23.08 18.75 30.60
CA ASN A 137 22.78 19.31 31.90
C ASN A 137 23.85 18.84 32.87
N GLN A 138 24.23 17.56 32.78
CA GLN A 138 25.19 16.95 33.67
C GLN A 138 26.63 17.29 33.31
N ASN A 139 26.83 18.04 32.24
CA ASN A 139 28.17 18.48 31.81
C ASN A 139 29.08 17.32 31.58
N LEU A 140 28.52 16.29 30.96
CA LEU A 140 29.27 15.11 30.60
C LEU A 140 30.06 15.34 29.29
N PRO A 141 31.05 14.48 29.02
CA PRO A 141 31.95 14.77 27.90
C PRO A 141 31.26 14.83 26.57
N ILE A 142 31.76 15.74 25.74
CA ILE A 142 31.26 15.82 24.36
C ILE A 142 32.34 15.89 23.31
N SER A 143 31.97 15.56 22.10
CA SER A 143 32.81 15.51 20.92
C SER A 143 32.17 16.33 19.82
N SER A 144 32.97 16.69 18.80
CA SER A 144 32.47 17.39 17.62
C SER A 144 33.07 16.78 16.36
N GLY A 145 32.43 17.11 15.24
CA GLY A 145 32.85 16.71 13.93
C GLY A 145 31.76 15.91 13.24
N LYS A 146 31.90 15.83 11.94
CA LYS A 146 30.95 15.09 11.20
C LYS A 146 30.93 13.63 11.57
N SER A 147 29.75 13.06 11.36
CA SER A 147 29.57 11.63 11.65
C SER A 147 30.44 10.70 10.79
N HIS A 148 30.95 9.63 11.39
CA HIS A 148 31.66 8.61 10.61
C HIS A 148 31.75 7.32 11.37
N SER A 149 31.88 6.22 10.66
CA SER A 149 32.11 4.94 11.29
C SER A 149 32.75 4.00 10.28
N GLU A 150 33.52 3.01 10.77
CA GLU A 150 33.83 1.89 9.92
C GLU A 150 32.55 1.08 9.73
N PRO A 151 32.45 0.36 8.60
CA PRO A 151 31.23 -0.45 8.37
C PRO A 151 31.26 -1.72 9.15
N ALA A 152 30.08 -2.27 9.37
CA ALA A 152 29.98 -3.61 9.94
C ALA A 152 28.92 -4.41 9.14
N GLU A 153 28.90 -5.72 9.35
CA GLU A 153 27.95 -6.61 8.72
C GLU A 153 26.70 -6.57 9.57
N PHE A 154 25.56 -6.33 8.92
CA PHE A 154 24.25 -6.35 9.57
C PHE A 154 23.19 -6.99 8.67
N SER A 155 22.34 -7.83 9.25
N SER A 155 22.31 -7.81 9.27
N SER A 155 22.29 -7.77 9.26
CA SER A 155 21.21 -8.39 8.54
CA SER A 155 21.22 -8.48 8.57
CA SER A 155 21.19 -8.29 8.49
C SER A 155 19.96 -7.92 9.26
C SER A 155 19.90 -8.17 9.29
C SER A 155 19.90 -8.15 9.27
N ALA A 156 18.85 -7.85 8.52
CA ALA A 156 17.59 -7.41 9.07
C ALA A 156 16.51 -8.26 8.48
N GLN A 157 15.42 -8.42 9.22
N GLN A 157 15.41 -8.36 9.20
CA GLN A 157 14.21 -9.02 8.67
CA GLN A 157 14.26 -9.12 8.71
C GLN A 157 13.07 -8.42 9.47
C GLN A 157 13.03 -8.53 9.49
N LEU A 158 12.05 -7.98 8.76
CA LEU A 158 10.93 -7.33 9.39
C LEU A 158 9.98 -8.31 10.01
N ASP A 159 9.65 -8.12 11.29
CA ASP A 159 8.57 -8.84 11.95
C ASP A 159 7.29 -8.01 11.75
N PRO A 160 6.39 -8.47 10.87
CA PRO A 160 5.19 -7.66 10.55
C PRO A 160 4.29 -7.40 11.74
N SER A 161 4.43 -8.17 12.81
CA SER A 161 3.65 -7.92 14.02
C SER A 161 3.94 -6.56 14.66
N PHE A 162 5.02 -5.89 14.22
CA PHE A 162 5.37 -4.58 14.78
C PHE A 162 4.53 -3.46 14.16
N ILE A 163 3.72 -3.78 13.15
N ILE A 163 3.85 -3.69 13.04
CA ILE A 163 3.08 -2.77 12.32
CA ILE A 163 3.00 -2.64 12.52
C ILE A 163 1.58 -3.07 12.25
C ILE A 163 1.57 -3.07 12.30
N LYS A 164 0.75 -2.03 12.18
CA LYS A 164 -0.63 -2.13 11.69
C LYS A 164 -0.74 -1.23 10.47
N THR A 165 -1.61 -1.66 9.54
CA THR A 165 -1.86 -0.95 8.32
C THR A 165 -3.20 -0.18 8.37
N HIS A 166 -3.35 0.73 7.43
CA HIS A 166 -4.60 1.48 7.28
C HIS A 166 -5.83 0.55 7.28
N GLU A 167 -5.69 -0.51 6.50
CA GLU A 167 -6.76 -1.49 6.37
C GLU A 167 -7.12 -2.10 7.73
N ASP A 168 -6.11 -2.39 8.54
CA ASP A 168 -6.34 -2.90 9.86
C ASP A 168 -7.05 -1.87 10.77
N ILE A 169 -6.62 -0.59 10.74
CA ILE A 169 -7.24 0.46 11.53
C ILE A 169 -8.70 0.64 11.12
N LEU A 170 -8.94 0.65 9.83
CA LEU A 170 -10.32 0.83 9.33
C LEU A 170 -11.22 -0.34 9.71
N GLU A 171 -10.74 -1.56 9.57
CA GLU A 171 -11.55 -2.73 9.93
C GLU A 171 -11.85 -2.70 11.45
N ASN A 172 -10.90 -2.17 12.23
CA ASN A 172 -11.02 -2.24 13.66
C ASN A 172 -12.08 -1.26 14.17
N LEU A 173 -12.44 -0.25 13.35
CA LEU A 173 -13.59 0.60 13.69
C LEU A 173 -14.85 -0.18 14.01
N ASP A 174 -15.06 -1.30 13.31
CA ASP A 174 -16.17 -2.20 13.53
C ASP A 174 -15.80 -3.41 14.38
N ALA A 175 -14.61 -3.99 14.15
CA ALA A 175 -14.28 -5.24 14.84
C ALA A 175 -13.90 -5.02 16.30
N ARG A 176 -13.28 -3.87 16.54
CA ARG A 176 -12.90 -3.44 17.90
C ARG A 176 -12.10 -4.48 18.66
N ARG A 177 -11.08 -5.00 17.99
N ARG A 177 -11.08 -4.99 17.98
CA ARG A 177 -10.18 -5.99 18.60
CA ARG A 177 -10.14 -5.97 18.50
C ARG A 177 -9.08 -5.31 19.42
C ARG A 177 -9.09 -5.32 19.38
N PHE A 178 -8.65 -4.14 18.97
CA PHE A 178 -7.58 -3.45 19.65
C PHE A 178 -7.95 -2.02 19.99
N GLN A 179 -7.30 -1.54 21.02
N GLN A 179 -7.34 -1.47 21.02
CA GLN A 179 -7.34 -0.16 21.45
CA GLN A 179 -7.54 -0.06 21.35
C GLN A 179 -6.38 0.63 20.61
C GLN A 179 -6.37 0.78 20.82
N VAL A 180 -6.72 1.86 20.16
CA VAL A 180 -5.78 2.76 19.50
C VAL A 180 -5.44 3.92 20.44
N VAL A 181 -4.16 4.18 20.65
CA VAL A 181 -3.70 5.28 21.51
C VAL A 181 -2.80 6.18 20.70
N ASP A 182 -3.17 7.46 20.70
CA ASP A 182 -2.56 8.45 19.83
C ASP A 182 -1.69 9.37 20.70
N ALA A 183 -0.41 9.48 20.36
CA ALA A 183 0.60 10.20 21.09
C ALA A 183 0.74 11.66 20.71
N ARG A 184 -0.09 12.17 19.81
CA ARG A 184 0.00 13.59 19.46
C ARG A 184 -0.43 14.52 20.63
N ALA A 185 0.08 15.75 20.57
CA ALA A 185 -0.42 16.80 21.45
C ALA A 185 -1.97 16.87 21.45
N ALA A 186 -2.52 17.17 22.61
CA ALA A 186 -3.98 17.15 22.82
C ALA A 186 -4.73 18.00 21.82
N GLY A 187 -4.20 19.16 21.51
CA GLY A 187 -4.89 20.03 20.58
C GLY A 187 -4.94 19.50 19.16
N ARG A 188 -3.87 18.86 18.72
CA ARG A 188 -3.92 18.17 17.42
C ARG A 188 -4.96 17.05 17.44
N PHE A 189 -4.92 16.19 18.46
CA PHE A 189 -5.91 15.12 18.60
C PHE A 189 -7.34 15.67 18.61
N GLN A 190 -7.59 16.77 19.33
CA GLN A 190 -8.95 17.31 19.48
C GLN A 190 -9.41 18.07 18.23
N GLY A 191 -8.48 18.53 17.42
CA GLY A 191 -8.79 19.30 16.24
C GLY A 191 -8.66 20.78 16.37
N THR A 192 -8.02 21.23 17.46
CA THR A 192 -7.90 22.66 17.79
C THR A 192 -6.51 23.24 17.51
N GLN A 193 -5.54 22.43 17.09
CA GLN A 193 -4.17 22.88 16.78
C GLN A 193 -3.73 22.29 15.42
N PRO A 194 -2.92 23.02 14.66
CA PRO A 194 -2.67 22.54 13.30
C PRO A 194 -1.78 21.31 13.17
N GLU A 195 -1.98 20.59 12.10
CA GLU A 195 -1.03 19.57 11.71
C GLU A 195 0.10 20.19 10.89
N PRO A 196 1.35 19.74 11.18
CA PRO A 196 2.46 20.43 10.55
C PRO A 196 2.51 20.25 9.02
N ARG A 197 1.92 19.15 8.54
CA ARG A 197 1.93 18.84 7.14
C ARG A 197 0.85 19.68 6.43
N ASP A 198 1.24 20.41 5.40
CA ASP A 198 0.25 21.12 4.61
C ASP A 198 -0.68 20.12 3.90
N GLY A 199 -1.96 20.46 3.88
CA GLY A 199 -2.97 19.56 3.37
C GLY A 199 -3.56 18.56 4.38
N ILE A 200 -3.02 18.52 5.59
CA ILE A 200 -3.49 17.60 6.61
C ILE A 200 -4.10 18.51 7.64
N GLU A 201 -5.33 18.20 8.01
CA GLU A 201 -5.97 18.86 9.14
C GLU A 201 -6.06 17.99 10.35
N PRO A 202 -6.22 18.61 11.53
CA PRO A 202 -6.18 17.89 12.76
C PRO A 202 -7.46 17.20 13.08
N GLY A 203 -7.47 16.46 14.17
CA GLY A 203 -8.58 15.59 14.53
C GLY A 203 -8.02 14.23 14.90
N HIS A 204 -8.89 13.26 15.10
CA HIS A 204 -8.49 11.94 15.56
C HIS A 204 -9.33 10.80 14.92
N ILE A 205 -8.79 9.59 15.06
CA ILE A 205 -9.42 8.40 14.59
C ILE A 205 -10.58 8.01 15.49
N PRO A 206 -11.78 7.70 14.93
CA PRO A 206 -12.88 7.33 15.82
C PRO A 206 -12.53 6.22 16.79
N GLY A 207 -12.91 6.41 18.05
CA GLY A 207 -12.69 5.44 19.10
C GLY A 207 -11.32 5.47 19.73
N SER A 208 -10.38 6.22 19.17
CA SER A 208 -9.04 6.28 19.72
C SER A 208 -9.02 7.10 21.01
N VAL A 209 -7.96 6.93 21.77
CA VAL A 209 -7.72 7.66 23.01
C VAL A 209 -6.39 8.39 22.91
N ASN A 210 -6.32 9.58 23.49
CA ASN A 210 -5.11 10.38 23.43
C ASN A 210 -4.28 10.24 24.67
N ILE A 211 -3.07 9.80 24.52
CA ILE A 211 -2.06 9.97 25.59
C ILE A 211 -0.85 10.68 24.94
N PRO A 212 -0.82 12.02 25.01
CA PRO A 212 0.27 12.73 24.38
C PRO A 212 1.63 12.18 24.87
N PHE A 213 2.63 12.17 24.01
CA PHE A 213 3.86 11.45 24.36
C PHE A 213 4.54 12.08 25.59
N THR A 214 4.37 13.38 25.77
CA THR A 214 4.94 14.07 26.89
C THR A 214 4.46 13.53 28.26
N GLU A 215 3.32 12.83 28.30
CA GLU A 215 2.80 12.25 29.54
C GLU A 215 3.66 11.11 30.07
N PHE A 216 4.53 10.53 29.24
CA PHE A 216 5.45 9.48 29.70
C PHE A 216 6.73 10.05 30.34
N LEU A 217 6.92 11.35 30.29
CA LEU A 217 8.18 11.94 30.65
C LEU A 217 8.01 12.85 31.87
N THR A 218 8.97 12.83 32.77
CA THR A 218 8.99 13.76 33.88
C THR A 218 9.36 15.20 33.40
N ASN A 219 9.29 16.13 34.35
CA ASN A 219 9.75 17.51 34.13
C ASN A 219 11.26 17.66 33.82
N GLU A 220 12.06 16.65 34.18
CA GLU A 220 13.50 16.64 33.90
C GLU A 220 13.82 15.94 32.57
N GLY A 221 12.77 15.48 31.89
CA GLY A 221 12.92 14.84 30.61
C GLY A 221 13.35 13.39 30.74
N LEU A 222 13.16 12.78 31.91
CA LEU A 222 13.43 11.36 32.10
C LEU A 222 12.12 10.57 32.00
N GLU A 223 12.22 9.28 31.71
CA GLU A 223 11.01 8.48 31.65
C GLU A 223 10.38 8.32 33.03
N LYS A 224 9.06 8.33 33.09
CA LYS A 224 8.37 8.02 34.32
C LYS A 224 8.61 6.57 34.68
N SER A 225 8.38 6.20 35.95
CA SER A 225 8.52 4.79 36.38
C SER A 225 7.45 3.88 35.80
N PRO A 226 7.68 2.55 35.73
CA PRO A 226 6.62 1.65 35.28
C PRO A 226 5.37 1.82 36.10
N GLU A 227 5.51 2.05 37.39
CA GLU A 227 4.35 2.25 38.26
C GLU A 227 3.50 3.45 37.80
N GLU A 228 4.15 4.57 37.52
CA GLU A 228 3.45 5.78 37.04
C GLU A 228 2.89 5.59 35.65
N ILE A 229 3.62 4.86 34.83
CA ILE A 229 3.12 4.57 33.49
C ILE A 229 1.87 3.63 33.53
N LYS A 230 1.91 2.58 34.36
CA LYS A 230 0.70 1.74 34.45
C LYS A 230 -0.52 2.55 34.88
N ARG A 231 -0.28 3.47 35.82
CA ARG A 231 -1.36 4.31 36.35
C ARG A 231 -1.93 5.23 35.29
N LEU A 232 -1.02 5.78 34.47
CA LEU A 232 -1.36 6.68 33.38
C LEU A 232 -2.26 5.88 32.40
N PHE A 233 -1.88 4.69 31.94
CA PHE A 233 -2.75 3.90 31.04
C PHE A 233 -4.12 3.62 31.70
N LYS A 234 -4.10 3.15 32.96
CA LYS A 234 -5.37 2.80 33.65
C LYS A 234 -6.27 4.02 33.76
N GLU A 235 -5.73 5.19 34.08
CA GLU A 235 -6.58 6.38 34.26
C GLU A 235 -7.21 6.78 32.92
N LYS A 236 -6.50 6.59 31.80
CA LYS A 236 -7.01 6.90 30.47
C LYS A 236 -7.88 5.78 29.94
N LYS A 237 -8.25 4.80 30.77
CA LYS A 237 -9.11 3.64 30.42
C LYS A 237 -8.51 2.84 29.29
N VAL A 238 -7.20 2.69 29.37
CA VAL A 238 -6.46 1.85 28.44
C VAL A 238 -5.99 0.64 29.25
N ASP A 239 -6.39 -0.55 28.80
CA ASP A 239 -6.16 -1.83 29.50
C ASP A 239 -4.98 -2.59 28.90
N LEU A 240 -3.86 -2.63 29.64
CA LEU A 240 -2.63 -3.29 29.10
C LEU A 240 -2.77 -4.81 29.01
N SER A 241 -3.85 -5.37 29.58
CA SER A 241 -4.15 -6.77 29.34
C SER A 241 -4.86 -7.04 28.00
N LYS A 242 -5.19 -6.01 27.21
CA LYS A 242 -5.87 -6.19 25.91
C LYS A 242 -5.02 -5.62 24.79
N PRO A 243 -5.33 -5.98 23.55
CA PRO A 243 -4.50 -5.48 22.46
C PRO A 243 -4.47 -3.96 22.34
N LEU A 244 -3.31 -3.42 21.97
CA LEU A 244 -3.11 -2.00 21.96
C LEU A 244 -2.26 -1.66 20.72
N VAL A 245 -2.63 -0.57 20.01
CA VAL A 245 -1.89 -0.05 18.85
C VAL A 245 -1.60 1.42 19.08
N ALA A 246 -0.36 1.81 18.76
CA ALA A 246 0.04 3.18 18.94
C ALA A 246 0.06 3.93 17.62
N THR A 247 -0.37 5.20 17.64
CA THR A 247 -0.39 6.07 16.48
C THR A 247 -0.01 7.47 16.85
N CSS A 248 0.28 8.30 15.85
CA CSS A 248 0.59 9.70 16.12
CB CSS A 248 2.00 9.85 16.77
SG CSS A 248 3.37 9.35 15.76
SD CSS A 248 4.47 11.20 15.21
C CSS A 248 0.46 10.46 14.79
O CSS A 248 -0.42 10.12 14.00
N GLY A 249 1.31 11.42 14.54
CA GLY A 249 1.30 12.10 13.24
C GLY A 249 1.81 11.31 12.08
N SER A 250 2.98 10.68 12.29
CA SER A 250 3.62 9.91 11.22
C SER A 250 4.28 8.61 11.65
N GLY A 251 4.03 8.19 12.89
CA GLY A 251 4.52 6.97 13.38
C GLY A 251 5.76 7.11 14.23
N VAL A 252 6.23 8.32 14.50
CA VAL A 252 7.46 8.57 15.26
C VAL A 252 7.19 8.61 16.78
N THR A 253 6.42 9.59 17.24
CA THR A 253 6.17 9.70 18.67
C THR A 253 5.27 8.58 19.20
N ALA A 254 4.52 7.93 18.31
CA ALA A 254 3.82 6.69 18.67
C ALA A 254 4.70 5.73 19.43
N SER A 255 5.99 5.74 19.12
CA SER A 255 6.94 4.83 19.75
C SER A 255 7.10 5.11 21.25
N HIS A 256 6.74 6.28 21.74
CA HIS A 256 6.71 6.54 23.20
C HIS A 256 5.62 5.74 23.90
N VAL A 257 4.50 5.49 23.20
CA VAL A 257 3.45 4.65 23.70
C VAL A 257 3.93 3.20 23.76
N VAL A 258 4.57 2.78 22.66
CA VAL A 258 5.19 1.44 22.63
C VAL A 258 6.20 1.25 23.78
N LEU A 259 7.05 2.26 24.00
CA LEU A 259 8.04 2.24 25.02
C LEU A 259 7.43 2.16 26.42
N GLY A 260 6.42 3.01 26.66
CA GLY A 260 5.84 3.00 27.98
C GLY A 260 5.15 1.67 28.26
N ALA A 261 4.49 1.09 27.26
CA ALA A 261 3.94 -0.26 27.36
C ALA A 261 5.03 -1.29 27.59
N PHE A 262 6.12 -1.22 26.83
CA PHE A 262 7.22 -2.19 27.00
C PHE A 262 7.77 -2.20 28.40
N LEU A 263 7.97 -1.01 28.96
CA LEU A 263 8.47 -0.81 30.31
C LEU A 263 7.49 -1.32 31.37
N SER A 264 6.21 -1.34 30.99
CA SER A 264 5.14 -1.92 31.80
C SER A 264 4.93 -3.44 31.57
N GLY A 265 5.84 -4.07 30.83
CA GLY A 265 5.77 -5.51 30.55
C GLY A 265 4.91 -5.94 29.37
N LYS A 266 4.44 -4.99 28.55
CA LYS A 266 3.64 -5.34 27.39
C LYS A 266 4.46 -4.99 26.19
N SER A 267 5.07 -5.97 25.58
CA SER A 267 6.05 -5.71 24.54
C SER A 267 5.52 -5.89 23.15
N ASP A 268 4.18 -6.03 23.00
CA ASP A 268 3.56 -6.29 21.67
C ASP A 268 2.53 -5.22 21.28
N VAL A 269 2.94 -3.97 21.35
CA VAL A 269 2.17 -2.85 20.89
C VAL A 269 2.66 -2.40 19.51
N PRO A 270 1.95 -2.79 18.46
CA PRO A 270 2.33 -2.33 17.11
C PRO A 270 2.15 -0.84 16.92
N VAL A 271 2.84 -0.35 15.93
CA VAL A 271 2.69 1.07 15.52
C VAL A 271 1.86 1.08 14.24
N TYR A 272 0.85 1.97 14.19
CA TYR A 272 0.22 2.30 12.93
C TYR A 272 1.14 3.26 12.16
N ASP A 273 2.01 2.72 11.33
CA ASP A 273 3.09 3.49 10.68
C ASP A 273 2.55 4.66 9.83
N GLY A 274 1.45 4.40 9.11
CA GLY A 274 0.83 5.47 8.32
C GLY A 274 0.40 6.63 9.16
N SER A 275 -0.20 6.34 10.31
CA SER A 275 -0.50 7.30 11.32
C SER A 275 -1.50 8.35 10.79
N TRP A 276 -1.53 9.52 11.39
CA TRP A 276 -2.57 10.49 11.07
C TRP A 276 -2.46 11.00 9.65
N VAL A 277 -1.23 11.20 9.17
CA VAL A 277 -1.06 11.65 7.78
C VAL A 277 -1.73 10.72 6.78
N GLU A 278 -1.47 9.41 6.95
CA GLU A 278 -2.10 8.50 6.06
C GLU A 278 -3.61 8.42 6.32
N TRP A 279 -4.01 8.35 7.60
CA TRP A 279 -5.42 8.25 7.95
C TRP A 279 -6.20 9.42 7.29
N TYR A 280 -5.71 10.61 7.52
CA TYR A 280 -6.36 11.82 6.96
C TYR A 280 -6.46 11.73 5.42
N MET A 281 -5.35 11.34 4.77
N MET A 281 -5.35 11.38 4.76
CA MET A 281 -5.32 11.34 3.32
CA MET A 281 -5.34 11.33 3.29
C MET A 281 -6.31 10.31 2.74
C MET A 281 -6.26 10.26 2.70
N ARG A 282 -6.47 9.16 3.41
CA ARG A 282 -7.27 8.03 2.91
C ARG A 282 -8.67 8.02 3.49
N ALA A 283 -9.05 9.06 4.27
CA ALA A 283 -10.32 9.11 5.01
C ALA A 283 -11.50 9.44 4.16
N GLN A 284 -12.66 8.90 4.55
CA GLN A 284 -13.93 9.49 4.27
C GLN A 284 -14.28 10.45 5.40
N PRO A 285 -15.22 11.40 5.20
CA PRO A 285 -15.46 12.41 6.26
C PRO A 285 -15.81 11.90 7.65
N GLU A 286 -16.51 10.76 7.70
CA GLU A 286 -16.89 10.17 8.98
C GLU A 286 -15.68 9.74 9.80
N HIS A 287 -14.54 9.60 9.13
CA HIS A 287 -13.31 9.09 9.76
C HIS A 287 -12.49 10.15 10.48
N ILE A 288 -12.86 11.43 10.36
N ILE A 288 -12.88 11.42 10.41
CA ILE A 288 -12.11 12.51 11.00
CA ILE A 288 -12.09 12.51 10.98
C ILE A 288 -13.03 13.02 12.10
C ILE A 288 -12.90 13.18 12.10
N ILE A 289 -12.60 12.84 13.35
CA ILE A 289 -13.33 13.43 14.48
C ILE A 289 -12.57 14.64 14.96
N SER A 290 -13.23 15.78 14.91
CA SER A 290 -12.57 17.03 15.24
C SER A 290 -13.51 18.06 15.75
N GLU A 291 -12.97 18.91 16.65
CA GLU A 291 -13.74 20.09 17.09
C GLU A 291 -13.75 21.14 15.99
N GLY A 292 -12.82 21.02 15.06
CA GLY A 292 -12.74 21.86 13.88
C GLY A 292 -13.75 21.46 12.83
N ARG A 293 -13.89 22.33 11.84
CA ARG A 293 -14.88 22.18 10.81
C ARG A 293 -14.30 21.39 9.65
N GLY A 294 -14.96 20.28 9.31
CA GLY A 294 -14.55 19.47 8.16
C GLY A 294 -14.36 20.27 6.90
N LYS A 295 -13.42 19.80 6.07
CA LYS A 295 -13.03 20.43 4.82
C LYS A 295 -14.29 20.42 3.96
N THR A 296 -14.51 21.48 3.17
CA THR A 296 -15.77 21.60 2.46
C THR A 296 -15.88 20.58 1.31
N GLN B 5 -7.20 -28.36 -18.67
CA GLN B 5 -6.32 -27.64 -17.68
C GLN B 5 -7.04 -26.42 -17.05
N LEU B 6 -7.62 -25.57 -17.87
CA LEU B 6 -8.19 -24.30 -17.41
C LEU B 6 -9.64 -24.21 -17.82
N PHE B 7 -10.46 -23.58 -17.00
CA PHE B 7 -11.83 -23.24 -17.40
C PHE B 7 -11.81 -22.23 -18.54
N ARG B 8 -12.66 -22.51 -19.53
CA ARG B 8 -12.62 -21.71 -20.75
C ARG B 8 -12.80 -20.19 -20.52
N ALA B 9 -11.91 -19.43 -21.11
CA ALA B 9 -11.93 -17.98 -20.94
C ALA B 9 -12.84 -17.30 -21.88
N LEU B 10 -13.15 -17.92 -23.03
CA LEU B 10 -14.05 -17.31 -24.00
C LEU B 10 -15.28 -18.15 -24.30
N VAL B 11 -16.42 -17.47 -24.45
CA VAL B 11 -17.57 -18.10 -25.05
C VAL B 11 -18.00 -17.25 -26.23
N SER B 12 -18.67 -17.86 -27.17
CA SER B 12 -19.14 -17.14 -28.36
C SER B 12 -20.53 -16.60 -28.12
N ALA B 13 -20.87 -15.64 -28.96
CA ALA B 13 -22.23 -15.14 -29.01
C ALA B 13 -23.24 -16.22 -29.27
N GLN B 14 -22.94 -17.09 -30.20
CA GLN B 14 -23.86 -18.19 -30.48
C GLN B 14 -24.09 -19.06 -29.23
N TRP B 15 -23.02 -19.36 -28.53
CA TRP B 15 -23.16 -20.17 -27.32
C TRP B 15 -24.05 -19.48 -26.30
N VAL B 16 -23.84 -18.17 -26.09
CA VAL B 16 -24.66 -17.44 -25.15
C VAL B 16 -26.11 -17.43 -25.58
N ALA B 17 -26.36 -17.10 -26.84
CA ALA B 17 -27.76 -17.05 -27.29
C ALA B 17 -28.49 -18.39 -27.09
N GLU B 18 -27.80 -19.48 -27.42
CA GLU B 18 -28.36 -20.83 -27.20
C GLU B 18 -28.56 -21.11 -25.69
N ALA B 19 -27.61 -20.71 -24.85
CA ALA B 19 -27.75 -20.89 -23.42
C ALA B 19 -28.97 -20.16 -22.85
N LEU B 20 -29.30 -18.98 -23.38
CA LEU B 20 -30.44 -18.23 -22.90
C LEU B 20 -31.73 -19.03 -23.12
N LYS B 21 -31.77 -19.83 -24.19
CA LYS B 21 -32.93 -20.67 -24.56
C LYS B 21 -32.95 -22.05 -23.90
N ALA B 22 -31.83 -22.50 -23.37
CA ALA B 22 -31.69 -23.84 -22.81
C ALA B 22 -30.82 -23.78 -21.55
N PRO B 23 -31.37 -23.16 -20.47
CA PRO B 23 -30.59 -22.95 -19.23
C PRO B 23 -30.28 -24.26 -18.50
N ARG B 24 -29.22 -24.24 -17.70
CA ARG B 24 -28.73 -25.43 -17.00
C ARG B 24 -28.72 -25.12 -15.51
N SER B 25 -29.61 -25.86 -14.85
CA SER B 25 -29.95 -25.54 -13.46
C SER B 25 -28.81 -25.82 -12.47
N SER B 26 -27.95 -26.77 -12.79
CA SER B 26 -26.84 -27.10 -11.89
C SER B 26 -25.71 -26.05 -11.98
N GLN B 27 -25.66 -25.38 -13.11
CA GLN B 27 -24.65 -24.40 -13.38
C GLN B 27 -25.35 -23.23 -14.01
N PRO B 28 -25.97 -22.37 -13.19
CA PRO B 28 -26.67 -21.27 -13.84
C PRO B 28 -25.70 -20.29 -14.50
N LEU B 29 -26.18 -19.57 -15.50
CA LEU B 29 -25.46 -18.58 -16.25
C LEU B 29 -25.76 -17.23 -15.65
N LYS B 30 -24.75 -16.44 -15.36
CA LYS B 30 -24.94 -15.04 -15.05
C LYS B 30 -24.17 -14.21 -16.05
N LEU B 31 -24.89 -13.39 -16.81
CA LEU B 31 -24.32 -12.42 -17.70
C LEU B 31 -24.10 -11.08 -17.01
N LEU B 32 -22.89 -10.56 -17.12
CA LEU B 32 -22.54 -9.28 -16.51
C LEU B 32 -21.98 -8.35 -17.58
N ASP B 33 -22.56 -7.15 -17.64
CA ASP B 33 -22.05 -6.05 -18.47
C ASP B 33 -21.09 -5.26 -17.57
N ALA B 34 -19.80 -5.28 -17.85
CA ALA B 34 -18.76 -4.59 -17.08
C ALA B 34 -18.19 -3.41 -17.85
N SER B 35 -19.03 -2.75 -18.61
CA SER B 35 -18.57 -1.58 -19.36
C SER B 35 -18.12 -0.47 -18.40
N TRP B 36 -17.06 0.21 -18.76
CA TRP B 36 -16.56 1.37 -18.02
C TRP B 36 -15.74 2.15 -19.01
N TYR B 37 -15.92 3.48 -19.05
CA TYR B 37 -15.23 4.34 -20.05
C TYR B 37 -14.56 5.52 -19.32
N LEU B 38 -13.42 5.94 -19.83
CA LEU B 38 -12.73 7.13 -19.34
C LEU B 38 -13.63 8.35 -19.63
N PRO B 39 -13.57 9.38 -18.76
CA PRO B 39 -14.49 10.51 -18.93
C PRO B 39 -14.53 11.14 -20.29
N LYS B 40 -13.40 11.29 -20.94
N LYS B 40 -13.41 11.28 -20.96
CA LYS B 40 -13.37 11.99 -22.23
CA LYS B 40 -13.36 12.01 -22.23
C LYS B 40 -14.20 11.32 -23.31
C LYS B 40 -14.01 11.25 -23.43
N LEU B 41 -14.45 10.02 -23.19
CA LEU B 41 -15.23 9.37 -24.20
C LEU B 41 -16.67 9.88 -24.20
N GLY B 42 -17.08 10.50 -23.12
CA GLY B 42 -18.43 11.02 -23.00
C GLY B 42 -19.54 9.97 -23.04
N ARG B 43 -19.25 8.77 -22.54
CA ARG B 43 -20.24 7.71 -22.45
C ARG B 43 -20.60 7.38 -20.97
N ASP B 44 -21.84 7.01 -20.75
CA ASP B 44 -22.33 6.56 -19.44
C ASP B 44 -22.66 5.07 -19.58
N ALA B 45 -21.78 4.23 -19.10
CA ALA B 45 -21.92 2.81 -19.22
C ALA B 45 -23.22 2.30 -18.61
N ARG B 46 -23.60 2.78 -17.42
CA ARG B 46 -24.79 2.31 -16.79
C ARG B 46 -26.03 2.74 -17.52
N ARG B 47 -26.09 4.00 -17.93
CA ARG B 47 -27.26 4.41 -18.71
C ARG B 47 -27.36 3.63 -20.02
N GLU B 48 -26.23 3.35 -20.67
CA GLU B 48 -26.27 2.56 -21.89
C GLU B 48 -26.84 1.15 -21.58
N PHE B 49 -26.44 0.54 -20.47
CA PHE B 49 -26.95 -0.77 -20.09
C PHE B 49 -28.49 -0.68 -19.94
N GLU B 50 -28.97 0.40 -19.28
CA GLU B 50 -30.41 0.59 -19.07
C GLU B 50 -31.16 0.64 -20.40
N GLU B 51 -30.54 1.22 -21.41
CA GLU B 51 -31.17 1.26 -22.72
C GLU B 51 -31.12 -0.08 -23.45
N ARG B 52 -29.99 -0.79 -23.36
CA ARG B 52 -29.80 -2.04 -24.10
C ARG B 52 -28.81 -2.94 -23.40
N HIS B 53 -29.17 -4.19 -23.23
CA HIS B 53 -28.26 -5.19 -22.69
C HIS B 53 -28.69 -6.61 -23.12
N ILE B 54 -27.81 -7.57 -22.89
CA ILE B 54 -28.08 -8.94 -23.21
C ILE B 54 -29.16 -9.40 -22.23
N PRO B 55 -30.19 -10.14 -22.69
CA PRO B 55 -31.30 -10.52 -21.79
C PRO B 55 -30.84 -11.27 -20.53
N GLY B 56 -31.33 -10.80 -19.39
CA GLY B 56 -31.00 -11.35 -18.09
C GLY B 56 -29.73 -10.79 -17.48
N ALA B 57 -28.92 -10.00 -18.21
CA ALA B 57 -27.68 -9.50 -17.68
C ALA B 57 -27.91 -8.57 -16.49
N ALA B 58 -26.93 -8.51 -15.61
CA ALA B 58 -26.82 -7.44 -14.64
C ALA B 58 -25.64 -6.54 -14.96
N PHE B 59 -25.63 -5.34 -14.39
CA PHE B 59 -24.56 -4.44 -14.62
C PHE B 59 -23.52 -4.53 -13.51
N PHE B 60 -22.28 -4.87 -13.86
CA PHE B 60 -21.18 -4.91 -12.97
C PHE B 60 -20.41 -3.59 -13.02
N ASP B 61 -20.51 -2.83 -11.93
CA ASP B 61 -19.93 -1.50 -11.85
C ASP B 61 -18.52 -1.58 -11.30
N ILE B 62 -17.51 -1.43 -12.12
CA ILE B 62 -16.16 -1.59 -11.62
C ILE B 62 -15.82 -0.61 -10.51
N ASP B 63 -16.50 0.54 -10.49
CA ASP B 63 -16.33 1.44 -9.32
C ASP B 63 -16.94 0.93 -8.03
N ARG B 64 -17.77 -0.12 -8.07
N ARG B 64 -17.76 -0.12 -8.07
CA ARG B 64 -18.23 -0.79 -6.82
CA ARG B 64 -18.21 -0.75 -6.84
C ARG B 64 -17.33 -1.95 -6.43
C ARG B 64 -17.40 -1.98 -6.49
N SER B 65 -16.30 -2.19 -7.22
CA SER B 65 -15.43 -3.30 -7.01
C SER B 65 -14.01 -2.83 -6.99
N SER B 66 -13.76 -1.76 -6.23
CA SER B 66 -12.46 -1.14 -6.13
C SER B 66 -12.22 -0.58 -4.73
N ASP B 67 -10.96 -0.48 -4.38
CA ASP B 67 -10.56 0.11 -3.09
C ASP B 67 -10.52 1.61 -3.22
N HIS B 68 -11.60 2.27 -2.71
CA HIS B 68 -11.63 3.76 -2.76
C HIS B 68 -10.74 4.42 -1.75
N THR B 69 -10.14 3.65 -0.84
CA THR B 69 -9.19 4.24 0.08
C THR B 69 -7.82 4.44 -0.52
N SER B 70 -7.56 3.90 -1.70
CA SER B 70 -6.27 4.06 -2.37
C SER B 70 -6.26 5.40 -3.12
N PRO B 71 -5.13 6.11 -3.18
CA PRO B 71 -4.96 7.23 -4.04
C PRO B 71 -4.76 6.87 -5.52
N TYR B 72 -4.62 5.58 -5.81
CA TYR B 72 -4.41 5.16 -7.16
C TYR B 72 -5.73 4.65 -7.73
N ASP B 73 -5.73 4.29 -9.01
CA ASP B 73 -6.95 4.03 -9.76
C ASP B 73 -7.26 2.54 -9.90
N HIS B 74 -8.55 2.22 -9.87
CA HIS B 74 -9.04 0.85 -10.09
C HIS B 74 -8.23 -0.19 -9.35
N MET B 75 -8.08 0.01 -8.03
CA MET B 75 -7.33 -0.93 -7.26
C MET B 75 -8.27 -2.02 -6.77
N LEU B 76 -7.79 -3.24 -6.64
CA LEU B 76 -8.61 -4.37 -6.14
C LEU B 76 -9.22 -4.04 -4.79
N PRO B 77 -10.50 -4.37 -4.59
CA PRO B 77 -11.10 -4.24 -3.26
C PRO B 77 -10.62 -5.39 -2.40
N ASN B 78 -10.95 -5.37 -1.11
CA ASN B 78 -10.76 -6.58 -0.29
C ASN B 78 -11.81 -7.65 -0.65
N ALA B 79 -11.53 -8.88 -0.23
CA ALA B 79 -12.39 -10.01 -0.56
C ALA B 79 -13.80 -9.88 -0.05
N THR B 80 -13.95 -9.39 1.15
CA THR B 80 -15.30 -9.24 1.69
C THR B 80 -16.16 -8.27 0.86
N HIS B 81 -15.55 -7.16 0.49
CA HIS B 81 -16.20 -6.20 -0.37
C HIS B 81 -16.57 -6.81 -1.72
N PHE B 82 -15.62 -7.55 -2.32
CA PHE B 82 -15.92 -8.20 -3.57
C PHE B 82 -17.09 -9.17 -3.43
N ALA B 83 -17.01 -10.00 -2.40
CA ALA B 83 -18.01 -11.02 -2.18
C ALA B 83 -19.41 -10.47 -1.98
N ASP B 84 -19.50 -9.42 -1.18
CA ASP B 84 -20.80 -8.79 -0.97
C ASP B 84 -21.35 -8.28 -2.29
N TYR B 85 -20.50 -7.70 -3.14
CA TYR B 85 -20.96 -7.12 -4.39
C TYR B 85 -21.36 -8.21 -5.38
N ALA B 86 -20.52 -9.21 -5.56
CA ALA B 86 -20.85 -10.27 -6.48
C ALA B 86 -22.11 -10.97 -6.06
N GLY B 87 -22.24 -11.27 -4.77
CA GLY B 87 -23.49 -11.87 -4.30
C GLY B 87 -24.71 -11.01 -4.53
N SER B 88 -24.54 -9.71 -4.46
CA SER B 88 -25.68 -8.81 -4.70
C SER B 88 -26.12 -8.85 -6.17
N LEU B 89 -25.24 -9.28 -7.07
CA LEU B 89 -25.56 -9.44 -8.45
C LEU B 89 -26.06 -10.83 -8.79
N GLY B 90 -26.26 -11.67 -7.77
CA GLY B 90 -26.83 -12.97 -8.07
C GLY B 90 -25.82 -14.07 -8.35
N VAL B 91 -24.53 -13.87 -8.08
CA VAL B 91 -23.46 -14.87 -8.36
C VAL B 91 -23.27 -15.75 -7.14
N SER B 92 -23.25 -17.06 -7.35
CA SER B 92 -22.90 -18.04 -6.33
C SER B 92 -21.71 -18.85 -6.83
N ALA B 93 -21.20 -19.74 -5.99
CA ALA B 93 -20.09 -20.61 -6.35
C ALA B 93 -20.37 -21.45 -7.60
N ALA B 94 -21.61 -21.87 -7.76
CA ALA B 94 -22.08 -22.67 -8.87
C ALA B 94 -22.17 -21.99 -10.22
N THR B 95 -22.23 -20.70 -10.21
CA THR B 95 -22.50 -19.89 -11.39
C THR B 95 -21.36 -19.87 -12.40
N HIS B 96 -21.74 -20.06 -13.65
CA HIS B 96 -20.88 -19.74 -14.77
C HIS B 96 -21.10 -18.25 -15.12
N VAL B 97 -20.15 -17.43 -14.72
CA VAL B 97 -20.21 -16.00 -14.99
C VAL B 97 -19.70 -15.73 -16.39
N VAL B 98 -20.42 -14.96 -17.16
CA VAL B 98 -19.97 -14.53 -18.51
C VAL B 98 -20.02 -13.03 -18.53
N ILE B 99 -18.86 -12.43 -18.82
CA ILE B 99 -18.73 -10.97 -18.75
C ILE B 99 -18.56 -10.43 -20.14
N TYR B 100 -19.20 -9.27 -20.42
CA TYR B 100 -19.02 -8.55 -21.65
C TYR B 100 -18.95 -7.08 -21.34
N ASP B 101 -18.63 -6.27 -22.37
CA ASP B 101 -18.79 -4.81 -22.33
C ASP B 101 -19.21 -4.35 -23.71
N GLY B 102 -19.59 -3.10 -23.76
CA GLY B 102 -20.09 -2.44 -24.95
C GLY B 102 -19.11 -1.56 -25.69
N SER B 103 -17.84 -1.83 -25.51
CA SER B 103 -16.82 -0.98 -26.07
C SER B 103 -16.73 -1.10 -27.58
N ASP B 104 -16.25 -0.02 -28.18
CA ASP B 104 -15.91 -0.01 -29.62
C ASP B 104 -14.88 -1.07 -29.97
N GLN B 105 -14.01 -1.39 -29.02
CA GLN B 105 -12.93 -2.33 -29.26
C GLN B 105 -13.36 -3.79 -29.24
N GLY B 106 -14.58 -4.06 -28.80
CA GLY B 106 -15.08 -5.44 -28.64
C GLY B 106 -15.09 -5.81 -27.19
N LEU B 107 -13.90 -5.90 -26.61
CA LEU B 107 -13.73 -5.97 -25.15
C LEU B 107 -12.63 -4.99 -24.72
N TYR B 108 -12.83 -4.40 -23.56
CA TYR B 108 -12.09 -3.26 -23.06
C TYR B 108 -11.87 -3.37 -21.56
N SER B 109 -12.96 -3.23 -20.82
CA SER B 109 -12.96 -3.36 -19.36
C SER B 109 -13.39 -4.74 -18.85
N ALA B 110 -14.08 -5.49 -19.69
CA ALA B 110 -14.55 -6.81 -19.23
C ALA B 110 -13.41 -7.74 -18.77
N PRO B 111 -12.28 -7.79 -19.48
CA PRO B 111 -11.23 -8.72 -19.04
C PRO B 111 -10.79 -8.49 -17.57
N ARG B 112 -10.80 -7.24 -17.14
CA ARG B 112 -10.45 -6.95 -15.75
C ARG B 112 -11.37 -7.72 -14.78
N VAL B 113 -12.66 -7.82 -15.12
CA VAL B 113 -13.59 -8.45 -14.20
C VAL B 113 -13.45 -9.96 -14.28
N TRP B 114 -13.15 -10.51 -15.47
CA TRP B 114 -12.81 -11.95 -15.53
C TRP B 114 -11.63 -12.25 -14.66
N TRP B 115 -10.53 -11.47 -14.76
CA TRP B 115 -9.35 -11.65 -13.91
C TRP B 115 -9.67 -11.46 -12.43
N MET B 116 -10.53 -10.53 -12.10
N MET B 116 -10.49 -10.47 -12.09
CA MET B 116 -10.86 -10.32 -10.71
CA MET B 116 -10.90 -10.26 -10.70
C MET B 116 -11.62 -11.49 -10.09
C MET B 116 -11.62 -11.47 -10.11
N PHE B 117 -12.61 -12.01 -10.82
CA PHE B 117 -13.33 -13.19 -10.31
C PHE B 117 -12.35 -14.32 -10.00
N ARG B 118 -11.43 -14.55 -10.95
CA ARG B 118 -10.45 -15.62 -10.78
C ARG B 118 -9.54 -15.33 -9.58
N ALA B 119 -9.08 -14.08 -9.44
CA ALA B 119 -8.20 -13.72 -8.35
C ALA B 119 -8.85 -13.99 -7.00
N PHE B 120 -10.18 -13.85 -6.97
CA PHE B 120 -10.97 -14.05 -5.74
C PHE B 120 -11.55 -15.45 -5.59
N GLY B 121 -11.11 -16.36 -6.44
CA GLY B 121 -11.34 -17.79 -6.25
C GLY B 121 -12.52 -18.34 -6.99
N HIS B 122 -13.06 -17.59 -7.93
CA HIS B 122 -14.18 -18.02 -8.75
C HIS B 122 -13.70 -18.27 -10.16
N HIS B 123 -13.47 -19.50 -10.51
CA HIS B 123 -12.79 -19.84 -11.75
C HIS B 123 -13.72 -20.15 -12.89
N SER B 124 -14.99 -20.43 -12.61
N SER B 124 -14.99 -20.41 -12.61
CA SER B 124 -15.98 -20.66 -13.71
CA SER B 124 -15.99 -20.65 -13.68
C SER B 124 -16.51 -19.31 -14.21
C SER B 124 -16.51 -19.30 -14.20
N VAL B 125 -15.62 -18.64 -14.95
CA VAL B 125 -15.85 -17.31 -15.52
C VAL B 125 -15.25 -17.27 -16.91
N SER B 126 -15.98 -16.60 -17.79
CA SER B 126 -15.58 -16.42 -19.18
C SER B 126 -15.92 -15.00 -19.64
N LEU B 127 -15.47 -14.72 -20.87
CA LEU B 127 -15.76 -13.46 -21.54
C LEU B 127 -16.48 -13.79 -22.83
N LEU B 128 -17.45 -12.92 -23.14
CA LEU B 128 -18.11 -13.01 -24.42
C LEU B 128 -17.22 -12.41 -25.53
N ASP B 129 -16.72 -13.26 -26.38
CA ASP B 129 -15.82 -12.87 -27.44
C ASP B 129 -16.56 -11.88 -28.38
N GLY B 130 -15.97 -10.72 -28.58
CA GLY B 130 -16.59 -9.69 -29.38
C GLY B 130 -17.48 -8.73 -28.71
N GLY B 131 -17.79 -8.99 -27.46
CA GLY B 131 -18.64 -8.11 -26.64
C GLY B 131 -20.01 -7.80 -27.22
N PHE B 132 -20.57 -6.69 -26.74
CA PHE B 132 -21.89 -6.26 -27.19
C PHE B 132 -21.84 -5.83 -28.63
N ARG B 133 -20.72 -5.31 -29.07
CA ARG B 133 -20.54 -4.95 -30.48
C ARG B 133 -20.89 -6.13 -31.39
N HIS B 134 -20.31 -7.28 -31.11
CA HIS B 134 -20.59 -8.46 -31.91
C HIS B 134 -22.01 -8.98 -31.73
N TRP B 135 -22.49 -8.98 -30.48
CA TRP B 135 -23.89 -9.37 -30.20
C TRP B 135 -24.89 -8.62 -31.08
N LEU B 136 -24.74 -7.32 -31.11
CA LEU B 136 -25.58 -6.44 -31.88
C LEU B 136 -25.40 -6.70 -33.40
N ASN B 137 -24.15 -6.85 -33.85
CA ASN B 137 -23.84 -7.17 -35.27
C ASN B 137 -24.52 -8.46 -35.71
N GLN B 138 -24.69 -9.41 -34.81
CA GLN B 138 -25.38 -10.67 -35.07
C GLN B 138 -26.91 -10.57 -34.90
N ASN B 139 -27.44 -9.39 -34.60
CA ASN B 139 -28.93 -9.26 -34.51
C ASN B 139 -29.54 -10.12 -33.40
N LEU B 140 -28.80 -10.31 -32.31
CA LEU B 140 -29.25 -11.17 -31.22
C LEU B 140 -30.15 -10.38 -30.29
N PRO B 141 -30.96 -11.06 -29.50
CA PRO B 141 -31.97 -10.42 -28.67
C PRO B 141 -31.38 -9.46 -27.64
N ILE B 142 -32.06 -8.35 -27.41
CA ILE B 142 -31.64 -7.45 -26.32
C ILE B 142 -32.84 -7.05 -25.46
N SER B 143 -32.50 -6.58 -24.25
CA SER B 143 -33.47 -6.08 -23.27
C SER B 143 -33.12 -4.69 -22.80
N SER B 144 -34.08 -4.08 -22.13
CA SER B 144 -33.88 -2.79 -21.54
C SER B 144 -34.35 -2.83 -20.09
N GLY B 145 -33.90 -1.80 -19.35
CA GLY B 145 -34.29 -1.61 -17.96
C GLY B 145 -33.11 -1.58 -17.03
N LYS B 146 -33.35 -1.11 -15.81
CA LYS B 146 -32.27 -1.12 -14.82
C LYS B 146 -31.90 -2.47 -14.39
N SER B 147 -30.64 -2.56 -13.97
CA SER B 147 -30.10 -3.80 -13.49
C SER B 147 -30.80 -4.22 -12.22
N HIS B 148 -31.00 -5.52 -12.07
CA HIS B 148 -31.51 -6.06 -10.83
C HIS B 148 -31.25 -7.56 -10.78
N SER B 149 -31.18 -8.08 -9.58
CA SER B 149 -31.02 -9.52 -9.38
C SER B 149 -31.47 -9.86 -8.00
N GLU B 150 -31.96 -11.08 -7.81
CA GLU B 150 -32.06 -11.62 -6.45
C GLU B 150 -30.60 -11.83 -5.96
N PRO B 151 -30.39 -11.77 -4.66
CA PRO B 151 -29.07 -11.99 -4.13
C PRO B 151 -28.73 -13.47 -4.01
N ALA B 152 -27.45 -13.76 -4.01
CA ALA B 152 -26.96 -15.14 -3.85
C ALA B 152 -25.81 -15.12 -2.82
N GLU B 153 -25.56 -16.27 -2.22
CA GLU B 153 -24.41 -16.48 -1.34
C GLU B 153 -23.13 -16.63 -2.14
N PHE B 154 -22.14 -15.84 -1.79
CA PHE B 154 -20.83 -15.83 -2.47
C PHE B 154 -19.72 -15.59 -1.48
N SER B 155 -18.65 -16.37 -1.57
N SER B 155 -18.63 -16.33 -1.62
N SER B 155 -18.65 -16.37 -1.59
CA SER B 155 -17.48 -16.07 -0.77
CA SER B 155 -17.48 -16.22 -0.71
CA SER B 155 -17.48 -16.24 -0.72
C SER B 155 -16.31 -15.86 -1.65
C SER B 155 -16.15 -16.11 -1.47
C SER B 155 -16.22 -16.03 -1.56
N ALA B 156 -15.36 -15.09 -1.14
CA ALA B 156 -14.14 -14.74 -1.88
C ALA B 156 -12.88 -14.90 -1.02
N GLN B 157 -11.78 -15.21 -1.68
CA GLN B 157 -10.48 -15.26 -1.07
C GLN B 157 -9.50 -14.78 -2.12
N LEU B 158 -8.70 -13.77 -1.79
CA LEU B 158 -7.71 -13.28 -2.76
C LEU B 158 -6.48 -14.22 -2.81
N ASP B 159 -6.15 -14.70 -4.01
CA ASP B 159 -4.85 -15.33 -4.23
C ASP B 159 -3.84 -14.25 -4.61
N PRO B 160 -2.87 -13.97 -3.70
CA PRO B 160 -1.96 -12.86 -3.95
C PRO B 160 -1.05 -13.07 -5.16
N SER B 161 -0.88 -14.31 -5.64
CA SER B 161 -0.12 -14.50 -6.85
C SER B 161 -0.69 -13.81 -8.07
N PHE B 162 -1.93 -13.32 -8.03
CA PHE B 162 -2.54 -12.59 -9.14
C PHE B 162 -2.04 -11.18 -9.29
N ILE B 163 -1.36 -10.62 -8.29
CA ILE B 163 -0.90 -9.28 -8.39
C ILE B 163 0.60 -9.13 -8.10
N LYS B 164 1.14 -8.08 -8.68
CA LYS B 164 2.42 -7.54 -8.28
C LYS B 164 2.25 -6.14 -7.72
N THR B 165 3.13 -5.79 -6.80
CA THR B 165 3.15 -4.50 -6.11
C THR B 165 4.24 -3.57 -6.70
N HIS B 166 4.13 -2.27 -6.35
CA HIS B 166 5.16 -1.31 -6.70
C HIS B 166 6.55 -1.79 -6.29
N GLU B 167 6.62 -2.31 -5.09
CA GLU B 167 7.92 -2.78 -4.54
C GLU B 167 8.48 -3.85 -5.44
N ASP B 168 7.63 -4.77 -5.90
CA ASP B 168 8.04 -5.85 -6.79
C ASP B 168 8.54 -5.34 -8.16
N ILE B 169 7.84 -4.37 -8.73
CA ILE B 169 8.24 -3.79 -10.01
C ILE B 169 9.56 -3.05 -9.86
N LEU B 170 9.72 -2.28 -8.79
CA LEU B 170 10.94 -1.53 -8.53
C LEU B 170 12.14 -2.45 -8.35
N GLU B 171 12.00 -3.48 -7.50
CA GLU B 171 13.08 -4.49 -7.34
C GLU B 171 13.45 -5.17 -8.64
N ASN B 172 12.45 -5.40 -9.48
CA ASN B 172 12.67 -6.06 -10.72
C ASN B 172 13.47 -5.27 -11.73
N LEU B 173 13.62 -3.96 -11.55
CA LEU B 173 14.44 -3.21 -12.46
C LEU B 173 15.88 -3.76 -12.43
N ASP B 174 16.34 -4.11 -11.23
CA ASP B 174 17.65 -4.69 -11.07
C ASP B 174 17.64 -6.19 -11.23
N ALA B 175 16.66 -6.85 -10.63
CA ALA B 175 16.69 -8.32 -10.58
C ALA B 175 16.30 -9.02 -11.89
N ARG B 176 15.45 -8.37 -12.65
CA ARG B 176 15.04 -8.88 -13.95
C ARG B 176 14.56 -10.31 -13.92
N ARG B 177 13.73 -10.62 -12.93
CA ARG B 177 13.14 -11.95 -12.82
C ARG B 177 11.91 -12.10 -13.73
N PHE B 178 11.20 -11.02 -14.06
CA PHE B 178 10.01 -11.08 -14.89
C PHE B 178 10.05 -9.97 -15.93
N GLN B 179 9.38 -10.24 -17.05
CA GLN B 179 9.25 -9.31 -18.14
C GLN B 179 7.95 -8.53 -17.85
N VAL B 180 7.99 -7.19 -17.98
CA VAL B 180 6.83 -6.35 -17.83
C VAL B 180 6.27 -6.00 -19.22
N VAL B 181 4.96 -6.20 -19.40
CA VAL B 181 4.33 -5.93 -20.66
C VAL B 181 3.17 -4.95 -20.44
N ASP B 182 3.23 -3.80 -21.12
CA ASP B 182 2.34 -2.67 -20.88
C ASP B 182 1.35 -2.63 -22.02
N ALA B 183 0.07 -2.63 -21.70
CA ALA B 183 -1.05 -2.67 -22.63
C ALA B 183 -1.58 -1.29 -23.11
N ARG B 184 -0.98 -0.21 -22.64
CA ARG B 184 -1.45 1.08 -23.08
C ARG B 184 -1.12 1.30 -24.55
N ALA B 185 -1.86 2.21 -25.14
CA ALA B 185 -1.59 2.66 -26.50
C ALA B 185 -0.16 3.13 -26.62
N ALA B 186 0.38 2.99 -27.82
CA ALA B 186 1.82 3.19 -28.07
C ALA B 186 2.29 4.60 -27.72
N GLY B 187 1.46 5.58 -28.06
CA GLY B 187 1.76 6.97 -27.79
C GLY B 187 1.91 7.28 -26.32
N ARG B 188 1.03 6.72 -25.51
CA ARG B 188 1.12 6.86 -24.06
C ARG B 188 2.40 6.20 -23.52
N PHE B 189 2.67 4.99 -23.96
CA PHE B 189 3.90 4.26 -23.60
C PHE B 189 5.16 5.02 -23.95
N GLN B 190 5.18 5.57 -25.18
CA GLN B 190 6.35 6.25 -25.68
C GLN B 190 6.51 7.64 -25.06
N GLY B 191 5.40 8.26 -24.65
CA GLY B 191 5.39 9.57 -24.01
C GLY B 191 5.03 10.72 -24.92
N THR B 192 4.28 10.43 -26.00
CA THR B 192 3.81 11.43 -26.96
C THR B 192 2.30 11.73 -26.94
N GLN B 193 1.54 10.98 -26.13
CA GLN B 193 0.10 11.15 -26.03
C GLN B 193 -0.21 11.28 -24.54
N PRO B 194 -1.25 12.05 -24.18
CA PRO B 194 -1.45 12.30 -22.77
C PRO B 194 -1.96 11.08 -22.00
N GLU B 195 -1.75 11.15 -20.72
CA GLU B 195 -2.40 10.27 -19.76
C GLU B 195 -3.69 10.91 -19.30
N PRO B 196 -4.77 10.12 -19.25
CA PRO B 196 -6.07 10.71 -18.98
C PRO B 196 -6.15 11.37 -17.62
N ARG B 197 -5.36 10.90 -16.67
CA ARG B 197 -5.47 11.37 -15.33
C ARG B 197 -4.68 12.68 -15.15
N ASP B 198 -5.33 13.73 -14.65
CA ASP B 198 -4.61 14.98 -14.43
C ASP B 198 -3.48 14.77 -13.41
N GLY B 199 -2.30 15.29 -13.74
CA GLY B 199 -1.13 15.18 -12.88
C GLY B 199 -0.25 14.00 -13.21
N ILE B 200 -0.72 13.15 -14.11
CA ILE B 200 0.05 11.99 -14.55
C ILE B 200 0.50 12.29 -15.97
N GLU B 201 1.80 12.09 -16.26
CA GLU B 201 2.35 12.29 -17.59
C GLU B 201 2.71 10.95 -18.15
N PRO B 202 2.83 10.91 -19.48
CA PRO B 202 3.04 9.64 -20.13
C PRO B 202 4.51 9.20 -20.09
N GLY B 203 4.75 8.00 -20.61
CA GLY B 203 6.04 7.36 -20.54
C GLY B 203 5.87 5.93 -20.05
N HIS B 204 7.00 5.26 -19.86
CA HIS B 204 6.95 3.85 -19.47
C HIS B 204 7.99 3.44 -18.42
N ILE B 205 7.78 2.27 -17.85
CA ILE B 205 8.63 1.69 -16.84
C ILE B 205 9.90 1.21 -17.54
N PRO B 206 11.09 1.54 -17.00
CA PRO B 206 12.32 1.04 -17.61
C PRO B 206 12.29 -0.50 -17.81
N GLY B 207 12.75 -0.95 -18.98
CA GLY B 207 12.80 -2.35 -19.29
C GLY B 207 11.50 -2.95 -19.82
N SER B 208 10.37 -2.25 -19.70
CA SER B 208 9.12 -2.80 -20.10
C SER B 208 8.98 -2.82 -21.61
N VAL B 209 8.06 -3.64 -22.07
CA VAL B 209 7.74 -3.80 -23.50
C VAL B 209 6.23 -3.45 -23.72
N ASN B 210 5.92 -2.77 -24.80
CA ASN B 210 4.59 -2.32 -25.10
C ASN B 210 3.87 -3.30 -26.00
N ILE B 211 2.78 -3.90 -25.56
CA ILE B 211 1.86 -4.57 -26.48
C ILE B 211 0.47 -3.96 -26.20
N PRO B 212 0.12 -2.92 -26.97
CA PRO B 212 -1.18 -2.30 -26.80
C PRO B 212 -2.31 -3.33 -26.83
N PHE B 213 -3.31 -3.17 -25.94
CA PHE B 213 -4.28 -4.23 -25.76
C PHE B 213 -5.04 -4.56 -27.04
N THR B 214 -5.17 -3.56 -27.93
CA THR B 214 -5.85 -3.76 -29.21
C THR B 214 -5.13 -4.79 -30.11
N GLU B 215 -3.85 -5.00 -29.86
N GLU B 215 -3.86 -5.03 -29.85
CA GLU B 215 -3.05 -6.00 -30.61
CA GLU B 215 -3.10 -5.99 -30.65
C GLU B 215 -3.51 -7.46 -30.43
C GLU B 215 -3.47 -7.48 -30.41
N PHE B 216 -4.25 -7.72 -29.36
CA PHE B 216 -4.79 -9.08 -29.08
C PHE B 216 -6.09 -9.39 -29.75
N LEU B 217 -6.68 -8.36 -30.35
CA LEU B 217 -7.98 -8.41 -30.96
C LEU B 217 -7.83 -8.25 -32.45
N THR B 218 -8.76 -8.88 -33.14
CA THR B 218 -8.86 -8.68 -34.61
C THR B 218 -9.33 -7.26 -34.94
N ASN B 219 -9.27 -6.94 -36.22
CA ASN B 219 -9.67 -5.64 -36.67
C ASN B 219 -11.11 -5.28 -36.28
N GLU B 220 -11.97 -6.28 -36.05
CA GLU B 220 -13.37 -6.04 -35.68
C GLU B 220 -13.69 -6.40 -34.23
N GLY B 221 -12.66 -6.65 -33.45
CA GLY B 221 -12.85 -6.77 -32.01
C GLY B 221 -13.12 -8.15 -31.45
N LEU B 222 -12.87 -9.22 -32.21
CA LEU B 222 -12.86 -10.57 -31.67
C LEU B 222 -11.43 -10.94 -31.22
N GLU B 223 -11.28 -11.92 -30.36
CA GLU B 223 -9.93 -12.31 -29.95
C GLU B 223 -9.19 -12.94 -31.13
N LYS B 224 -7.91 -12.65 -31.26
CA LYS B 224 -7.02 -13.36 -32.17
C LYS B 224 -6.90 -14.82 -31.70
N SER B 225 -6.57 -15.70 -32.65
CA SER B 225 -6.33 -17.09 -32.32
C SER B 225 -5.13 -17.22 -31.43
N PRO B 226 -5.04 -18.33 -30.69
CA PRO B 226 -3.82 -18.58 -29.91
C PRO B 226 -2.55 -18.61 -30.73
N GLU B 227 -2.62 -19.14 -31.97
N GLU B 227 -2.54 -19.21 -31.91
CA GLU B 227 -1.48 -19.06 -32.93
CA GLU B 227 -1.29 -19.23 -32.65
C GLU B 227 -1.02 -17.62 -33.12
C GLU B 227 -0.89 -17.78 -33.07
N GLU B 228 -1.97 -16.75 -33.48
N GLU B 228 -1.88 -16.93 -33.30
CA GLU B 228 -1.68 -15.32 -33.73
CA GLU B 228 -1.63 -15.53 -33.66
C GLU B 228 -1.15 -14.68 -32.42
C GLU B 228 -1.17 -14.72 -32.44
N ILE B 229 -1.73 -15.02 -31.28
CA ILE B 229 -1.30 -14.39 -30.03
C ILE B 229 0.13 -14.82 -29.67
N LYS B 230 0.42 -16.11 -29.83
CA LYS B 230 1.80 -16.56 -29.60
C LYS B 230 2.80 -15.83 -30.48
N ARG B 231 2.42 -15.67 -31.76
CA ARG B 231 3.30 -14.95 -32.68
C ARG B 231 3.48 -13.47 -32.27
N LEU B 232 2.41 -12.88 -31.78
CA LEU B 232 2.49 -11.50 -31.34
C LEU B 232 3.47 -11.32 -30.18
N PHE B 233 3.35 -12.18 -29.16
CA PHE B 233 4.31 -12.13 -28.05
C PHE B 233 5.75 -12.27 -28.57
N LYS B 234 6.00 -13.22 -29.46
CA LYS B 234 7.34 -13.42 -29.97
C LYS B 234 7.86 -12.24 -30.82
N GLU B 235 6.98 -11.67 -31.64
CA GLU B 235 7.29 -10.49 -32.46
C GLU B 235 7.72 -9.32 -31.54
N LYS B 236 7.12 -9.23 -30.36
CA LYS B 236 7.38 -8.14 -29.43
C LYS B 236 8.51 -8.48 -28.44
N LYS B 237 9.18 -9.60 -28.66
CA LYS B 237 10.31 -10.05 -27.83
C LYS B 237 9.92 -10.45 -26.42
N VAL B 238 8.73 -10.99 -26.31
CA VAL B 238 8.26 -11.53 -25.05
C VAL B 238 8.23 -13.06 -25.11
N ASP B 239 8.89 -13.70 -24.14
CA ASP B 239 9.00 -15.18 -24.01
C ASP B 239 7.96 -15.73 -23.04
N LEU B 240 6.95 -16.44 -23.59
CA LEU B 240 5.91 -17.03 -22.73
C LEU B 240 6.41 -18.17 -21.83
N SER B 241 7.64 -18.62 -22.02
CA SER B 241 8.22 -19.63 -21.14
C SER B 241 8.87 -19.01 -19.90
N LYS B 242 8.90 -17.69 -19.79
CA LYS B 242 9.53 -16.99 -18.68
C LYS B 242 8.45 -16.19 -17.97
N PRO B 243 8.76 -15.77 -16.72
CA PRO B 243 7.73 -14.99 -16.04
C PRO B 243 7.38 -13.65 -16.72
N LEU B 244 6.11 -13.30 -16.57
CA LEU B 244 5.55 -12.17 -17.29
C LEU B 244 4.54 -11.49 -16.38
N VAL B 245 4.58 -10.16 -16.35
CA VAL B 245 3.66 -9.31 -15.53
C VAL B 245 3.04 -8.27 -16.41
N ALA B 246 1.73 -8.10 -16.31
CA ALA B 246 0.98 -7.18 -17.13
C ALA B 246 0.74 -5.85 -16.39
N THR B 247 0.79 -4.75 -17.13
CA THR B 247 0.59 -3.44 -16.61
C THR B 247 -0.09 -2.59 -17.66
N CSS B 248 -0.66 -1.47 -17.23
CA CSS B 248 -1.31 -0.52 -18.12
CB CSS B 248 -2.64 -1.05 -18.72
SG CSS B 248 -3.93 -1.25 -17.51
SD CSS B 248 -5.41 0.22 -17.93
C CSS B 248 -1.43 0.83 -17.46
O CSS B 248 -0.57 1.23 -16.70
N GLY B 249 -2.55 1.52 -17.67
CA GLY B 249 -2.75 2.82 -16.99
C GLY B 249 -3.09 2.62 -15.49
N SER B 250 -4.09 1.74 -15.25
CA SER B 250 -4.58 1.53 -13.90
C SER B 250 -4.92 0.06 -13.55
N GLY B 251 -4.46 -0.86 -14.41
CA GLY B 251 -4.61 -2.28 -14.19
C GLY B 251 -5.83 -2.91 -14.84
N VAL B 252 -6.51 -2.14 -15.67
CA VAL B 252 -7.68 -2.61 -16.34
C VAL B 252 -7.35 -3.34 -17.67
N THR B 253 -6.86 -2.60 -18.67
CA THR B 253 -6.55 -3.23 -19.99
C THR B 253 -5.33 -4.16 -19.90
N ALA B 254 -4.56 -4.13 -18.83
CA ALA B 254 -3.51 -5.12 -18.57
C ALA B 254 -4.11 -6.53 -18.65
N SER B 255 -5.39 -6.65 -18.25
CA SER B 255 -6.02 -7.94 -18.28
C SER B 255 -6.14 -8.56 -19.64
N HIS B 256 -6.00 -7.77 -20.71
N HIS B 256 -6.02 -7.77 -20.71
CA HIS B 256 -5.94 -8.34 -22.06
CA HIS B 256 -5.92 -8.31 -22.08
C HIS B 256 -4.62 -9.09 -22.26
C HIS B 256 -4.61 -9.08 -22.29
N VAL B 257 -3.54 -8.64 -21.65
CA VAL B 257 -2.29 -9.35 -21.74
C VAL B 257 -2.42 -10.71 -20.97
N VAL B 258 -3.06 -10.64 -19.82
CA VAL B 258 -3.33 -11.81 -18.99
C VAL B 258 -4.16 -12.81 -19.81
N LEU B 259 -5.22 -12.31 -20.46
CA LEU B 259 -6.09 -13.14 -21.26
C LEU B 259 -5.39 -13.73 -22.45
N GLY B 260 -4.64 -12.95 -23.22
CA GLY B 260 -3.91 -13.51 -24.30
C GLY B 260 -2.93 -14.62 -23.87
N ALA B 261 -2.18 -14.38 -22.79
CA ALA B 261 -1.30 -15.41 -22.25
C ALA B 261 -2.10 -16.66 -21.83
N PHE B 262 -3.24 -16.48 -21.15
CA PHE B 262 -4.07 -17.57 -20.68
C PHE B 262 -4.55 -18.44 -21.83
N LEU B 263 -4.94 -17.82 -22.94
CA LEU B 263 -5.38 -18.53 -24.14
C LEU B 263 -4.26 -19.19 -24.88
N SER B 264 -3.05 -18.75 -24.60
CA SER B 264 -1.82 -19.34 -25.09
C SER B 264 -1.19 -20.41 -24.16
N GLY B 265 -1.88 -20.74 -23.08
CA GLY B 265 -1.47 -21.78 -22.16
C GLY B 265 -0.71 -21.32 -20.93
N LYS B 266 -0.56 -20.00 -20.74
CA LYS B 266 0.19 -19.44 -19.62
C LYS B 266 -0.76 -18.74 -18.68
N SER B 267 -1.14 -19.42 -17.62
CA SER B 267 -2.19 -18.91 -16.77
C SER B 267 -1.74 -18.12 -15.60
N ASP B 268 -0.43 -17.91 -15.44
CA ASP B 268 0.13 -17.23 -14.28
C ASP B 268 0.80 -15.92 -14.68
N VAL B 269 0.03 -14.99 -15.20
CA VAL B 269 0.49 -13.66 -15.50
C VAL B 269 -0.16 -12.72 -14.51
N PRO B 270 0.58 -12.26 -13.48
CA PRO B 270 -0.01 -11.32 -12.56
C PRO B 270 -0.18 -9.93 -13.15
N VAL B 271 -1.07 -9.15 -12.53
CA VAL B 271 -1.25 -7.78 -12.93
C VAL B 271 -0.56 -6.88 -11.92
N TYR B 272 0.16 -5.88 -12.45
CA TYR B 272 0.62 -4.80 -11.62
C TYR B 272 -0.57 -3.85 -11.44
N ASP B 273 -1.27 -4.00 -10.31
CA ASP B 273 -2.56 -3.34 -10.13
C ASP B 273 -2.36 -1.86 -10.08
N GLY B 274 -1.30 -1.39 -9.38
CA GLY B 274 -1.05 0.07 -9.29
C GLY B 274 -0.83 0.68 -10.67
N SER B 275 -0.10 -0.05 -11.52
CA SER B 275 0.01 0.31 -12.94
C SER B 275 0.66 1.68 -13.08
N TRP B 276 0.50 2.34 -14.23
CA TRP B 276 1.26 3.56 -14.51
C TRP B 276 0.88 4.68 -13.58
N VAL B 277 -0.38 4.79 -13.21
CA VAL B 277 -0.74 5.87 -12.30
C VAL B 277 0.11 5.78 -11.02
N GLU B 278 0.15 4.59 -10.43
CA GLU B 278 0.92 4.43 -9.20
C GLU B 278 2.42 4.62 -9.49
N TRP B 279 2.91 4.00 -10.57
CA TRP B 279 4.32 4.05 -10.86
C TRP B 279 4.76 5.51 -11.01
N TYR B 280 4.02 6.30 -11.77
CA TYR B 280 4.36 7.69 -12.02
C TYR B 280 4.33 8.49 -10.69
N MET B 281 3.27 8.32 -9.90
N MET B 281 3.27 8.29 -9.90
CA MET B 281 3.20 9.03 -8.63
CA MET B 281 3.13 8.99 -8.62
C MET B 281 4.31 8.71 -7.63
C MET B 281 4.28 8.71 -7.64
N ARG B 282 4.78 7.48 -7.67
CA ARG B 282 5.83 7.00 -6.73
C ARG B 282 7.23 7.02 -7.25
N ALA B 283 7.39 7.57 -8.46
CA ALA B 283 8.67 7.53 -9.19
C ALA B 283 9.70 8.49 -8.72
N GLN B 284 10.94 8.09 -8.90
CA GLN B 284 12.04 9.05 -9.06
C GLN B 284 12.22 9.34 -10.56
N PRO B 285 12.96 10.42 -10.93
CA PRO B 285 13.00 10.79 -12.32
C PRO B 285 13.53 9.70 -13.25
N GLU B 286 14.50 8.91 -12.76
CA GLU B 286 15.06 7.81 -13.57
C GLU B 286 14.04 6.74 -13.92
N HIS B 287 12.92 6.73 -13.20
CA HIS B 287 11.89 5.71 -13.40
C HIS B 287 10.90 6.00 -14.49
N ILE B 288 10.93 7.23 -15.03
N ILE B 288 11.05 7.13 -15.16
CA ILE B 288 10.06 7.58 -16.17
CA ILE B 288 10.06 7.52 -16.15
C ILE B 288 10.90 7.63 -17.42
C ILE B 288 10.73 7.72 -17.48
N ILE B 289 10.60 6.74 -18.38
CA ILE B 289 11.25 6.81 -19.71
C ILE B 289 10.24 7.37 -20.70
N SER B 290 10.62 8.44 -21.35
CA SER B 290 9.71 9.12 -22.23
C SER B 290 10.38 9.92 -23.31
N GLU B 291 9.79 9.91 -24.49
CA GLU B 291 10.23 10.84 -25.54
C GLU B 291 9.87 12.30 -25.19
N GLY B 292 8.91 12.49 -24.30
CA GLY B 292 8.62 13.79 -23.73
C GLY B 292 9.60 14.24 -22.65
N ARG B 293 9.50 15.51 -22.28
CA ARG B 293 10.44 16.22 -21.42
C ARG B 293 9.97 16.06 -19.95
N GLY B 294 10.79 15.43 -19.09
CA GLY B 294 10.50 15.32 -17.65
C GLY B 294 10.02 16.60 -17.05
N LYS B 295 9.16 16.46 -16.07
CA LYS B 295 8.55 17.63 -15.47
C LYS B 295 9.69 18.38 -14.78
N THR B 296 9.57 19.71 -14.78
CA THR B 296 10.63 20.62 -14.30
C THR B 296 10.27 22.02 -14.79
O2 7N3 C . 4.35 15.08 15.90
C2 7N3 C . 4.73 14.72 14.79
C1 7N3 C . 6.10 14.24 14.64
C6 7N3 C . 7.08 14.15 15.66
C7 7N3 C . 8.36 13.69 15.37
C5 7N3 C . 8.68 13.36 14.08
C4 7N3 C . 7.78 13.40 13.06
C 7N3 C . 6.51 13.86 13.28
N1 7N3 C . 3.97 14.73 13.71
C3 7N3 C . 4.41 14.40 12.49
N 7N3 C . 5.63 13.92 12.24
S 7N3 C . 3.21 14.38 11.24
C8 7N3 C . 4.21 14.29 9.79
C9 7N3 C . 4.72 15.64 9.32
O 7N3 C . 4.11 16.68 9.43
N2 7N3 C . 5.91 15.63 8.73
C10 7N3 C . 6.39 16.75 8.17
S1 7N3 C . 5.73 18.34 8.12
C12 7N3 C . 7.05 18.92 7.13
C11 7N3 C . 7.98 17.95 6.79
C13 7N3 C . 7.62 16.71 7.35
C14 7N3 C . 8.36 15.45 7.17
O1 7N3 C . 7.93 14.40 7.62
N3 7N3 C . 9.45 15.44 6.41
NA NA D . 5.23 6.43 9.36
NA NA E . -1.64 21.24 8.11
NA NA F . 27.49 14.59 9.81
O2 7N3 G . -6.26 3.10 -20.59
C2 7N3 G . -6.61 3.24 -19.40
C1 7N3 G . -7.87 2.66 -18.87
C6 7N3 G . -8.63 1.83 -19.69
C7 7N3 G . -9.80 1.27 -19.21
C5 7N3 G . -10.17 1.54 -17.89
C4 7N3 G . -9.42 2.35 -17.05
C 7N3 G . -8.25 2.94 -17.50
N1 7N3 G . -5.95 4.02 -18.55
C3 7N3 G . -6.32 4.25 -17.26
N 7N3 G . -7.47 3.72 -16.69
S 7N3 G . -5.29 5.23 -16.31
C8 7N3 G . -6.32 5.72 -14.96
C9 7N3 G . -7.17 6.93 -15.22
O 7N3 G . -6.76 7.82 -15.94
N2 7N3 G . -8.39 6.97 -14.64
C10 7N3 G . -9.16 8.06 -14.72
S1 7N3 G . -8.86 9.53 -15.58
C12 7N3 G . -10.33 10.25 -15.00
C11 7N3 G . -11.03 9.40 -14.13
C13 7N3 G . -10.42 8.14 -13.96
C14 7N3 G . -10.84 7.02 -13.10
O1 7N3 G . -10.10 6.04 -12.88
N3 7N3 G . -11.99 7.22 -12.48
NA NA H . -5.45 -0.76 -10.40
NA NA I . -2.47 13.65 -17.65
#